data_2ZFE
#
_entry.id   2ZFE
#
_cell.length_a   102.410
_cell.length_b   102.410
_cell.length_c   112.470
_cell.angle_alpha   90.00
_cell.angle_beta   90.00
_cell.angle_gamma   120.00
#
_symmetry.space_group_name_H-M   'P 6 2 2'
#
loop_
_entity.id
_entity.type
_entity.pdbx_description
1 polymer Bacteriorhodopsin
2 branched 3-O-sulfo-beta-D-galactopyranose-(1-6)-alpha-D-mannopyranose-(1-2)-alpha-D-glucopyranose
3 non-polymer RETINAL
4 non-polymer "2,3-DI-O-PHYTANLY-3-SN-GLYCERO-1-PHOSPHORYL-3'-SN-GLYCEROL-1'-PHOSPHATE"
5 non-polymer 2,3-DI-PHYTANYL-GLYCEROL
6 non-polymer 3-PHOSPHORYL-[1,2-DI-PHYTANYL]GLYCEROL
7 non-polymer XENON
8 water water
#
_entity_poly.entity_id   1
_entity_poly.type   'polypeptide(L)'
_entity_poly.pdbx_seq_one_letter_code
;MLELLPTAVEGVSQAQITGRPEWIWLALGTALMGLGTLYFLVKGMGVSDPDAKKFYAITTLVPAIAFTMYLSMLLGYGLT
MVPFGGEQNPIYWARYADWLFTTPLLLLDLALLVDADQGTILALVGADGIMIGTGLVGALTKVYSYRFVWWAISTAAMLY
ILYVLFFGFTSKAESMRPEVASTFKVLRNVTVVLWSAYPVVWLIGSEGAGIVPLNIETLLFMVLDVSAKVGFGLILLRSR
AIFGEAEAPEPSAGDGAAATSD
;
_entity_poly.pdbx_strand_id   A
#
# COMPACT_ATOMS: atom_id res chain seq x y z
N THR A 18 7.68 -3.78 -22.21
CA THR A 18 7.26 -5.21 -22.06
C THR A 18 7.73 -5.79 -20.72
N GLY A 19 7.27 -6.99 -20.38
CA GLY A 19 7.64 -7.59 -19.11
C GLY A 19 8.69 -8.70 -19.12
N ARG A 20 9.93 -8.34 -18.80
CA ARG A 20 11.04 -9.28 -18.76
C ARG A 20 12.24 -8.67 -18.03
N PRO A 21 12.71 -7.48 -18.46
CA PRO A 21 13.86 -6.86 -17.79
C PRO A 21 13.65 -6.45 -16.34
N GLU A 22 12.42 -6.09 -15.96
CA GLU A 22 12.15 -5.68 -14.59
C GLU A 22 12.10 -6.87 -13.63
N TRP A 23 12.18 -8.07 -14.19
CA TRP A 23 12.13 -9.30 -13.42
C TRP A 23 12.91 -9.22 -12.13
N ILE A 24 14.04 -8.52 -12.15
CA ILE A 24 14.88 -8.41 -10.96
C ILE A 24 14.24 -7.61 -9.82
N TRP A 25 13.51 -6.56 -10.15
CA TRP A 25 12.86 -5.75 -9.14
C TRP A 25 11.70 -6.53 -8.54
N LEU A 26 11.09 -7.39 -9.35
CA LEU A 26 10.00 -8.22 -8.88
C LEU A 26 10.56 -9.30 -7.96
N ALA A 27 11.72 -9.84 -8.33
CA ALA A 27 12.35 -10.90 -7.55
C ALA A 27 12.85 -10.40 -6.19
N LEU A 28 13.41 -9.20 -6.17
CA LEU A 28 13.91 -8.63 -4.91
C LEU A 28 12.70 -8.25 -4.05
N GLY A 29 11.63 -7.82 -4.70
CA GLY A 29 10.42 -7.46 -4.00
C GLY A 29 9.80 -8.70 -3.36
N THR A 30 9.74 -9.78 -4.11
CA THR A 30 9.22 -11.04 -3.60
C THR A 30 10.04 -11.45 -2.38
N ALA A 31 11.36 -11.42 -2.54
CA ALA A 31 12.29 -11.80 -1.47
C ALA A 31 12.09 -10.94 -0.21
N LEU A 32 12.13 -9.63 -0.38
CA LEU A 32 11.96 -8.70 0.74
C LEU A 32 10.61 -8.84 1.47
N MET A 33 9.53 -9.05 0.72
CA MET A 33 8.22 -9.22 1.35
C MET A 33 8.18 -10.53 2.14
N GLY A 34 8.78 -11.56 1.56
CA GLY A 34 8.80 -12.86 2.21
C GLY A 34 9.59 -12.82 3.50
N LEU A 35 10.81 -12.29 3.44
CA LEU A 35 11.63 -12.19 4.64
C LEU A 35 10.97 -11.27 5.66
N GLY A 36 10.32 -10.21 5.17
CA GLY A 36 9.63 -9.28 6.04
C GLY A 36 8.49 -9.98 6.77
N THR A 37 7.83 -10.90 6.08
CA THR A 37 6.74 -11.67 6.68
C THR A 37 7.34 -12.61 7.74
N LEU A 38 8.39 -13.34 7.37
CA LEU A 38 9.04 -14.28 8.29
C LEU A 38 9.54 -13.59 9.56
N TYR A 39 10.16 -12.44 9.39
CA TYR A 39 10.66 -11.67 10.51
C TYR A 39 9.54 -11.28 11.48
N PHE A 40 8.45 -10.72 10.94
CA PHE A 40 7.30 -10.31 11.76
C PHE A 40 6.68 -11.51 12.45
N LEU A 41 6.53 -12.61 11.73
CA LEU A 41 5.99 -13.82 12.32
C LEU A 41 6.87 -14.27 13.50
N VAL A 42 8.18 -14.25 13.28
CA VAL A 42 9.16 -14.66 14.29
C VAL A 42 9.47 -13.53 15.24
N LYS A 43 8.46 -12.77 15.61
CA LYS A 43 8.67 -11.66 16.52
C LYS A 43 7.44 -11.48 17.36
N GLY A 44 6.30 -11.95 16.86
CA GLY A 44 5.07 -11.84 17.60
C GLY A 44 4.62 -13.19 18.13
N MET A 45 5.53 -14.15 18.17
CA MET A 45 5.18 -15.50 18.63
C MET A 45 4.77 -15.66 20.09
N GLY A 46 5.53 -15.09 21.01
CA GLY A 46 5.19 -15.21 22.40
C GLY A 46 4.51 -13.97 22.95
N VAL A 47 3.79 -13.26 22.08
CA VAL A 47 3.10 -12.05 22.48
C VAL A 47 1.72 -12.43 22.99
N SER A 48 1.43 -12.04 24.23
CA SER A 48 0.15 -12.38 24.85
C SER A 48 -0.83 -11.22 24.87
N ASP A 49 -0.31 -9.99 24.94
CA ASP A 49 -1.17 -8.82 24.98
C ASP A 49 -2.10 -8.84 23.77
N PRO A 50 -3.41 -9.02 24.01
CA PRO A 50 -4.41 -9.07 22.93
C PRO A 50 -4.39 -7.85 22.00
N ASP A 51 -3.91 -6.72 22.50
CA ASP A 51 -3.81 -5.52 21.68
C ASP A 51 -2.67 -5.66 20.70
N ALA A 52 -1.48 -5.97 21.22
CA ALA A 52 -0.29 -6.14 20.39
C ALA A 52 -0.55 -7.25 19.38
N LYS A 53 -1.32 -8.25 19.82
CA LYS A 53 -1.69 -9.38 18.98
C LYS A 53 -2.40 -8.91 17.70
N LYS A 54 -3.34 -7.98 17.83
CA LYS A 54 -4.06 -7.47 16.65
C LYS A 54 -3.08 -6.82 15.68
N PHE A 55 -2.20 -5.96 16.21
CA PHE A 55 -1.21 -5.25 15.41
C PHE A 55 -0.28 -6.20 14.66
N TYR A 56 0.17 -7.26 15.34
CA TYR A 56 1.05 -8.22 14.69
C TYR A 56 0.29 -8.95 13.61
N ALA A 57 -0.96 -9.31 13.88
CA ALA A 57 -1.75 -10.01 12.88
C ALA A 57 -1.98 -9.14 11.65
N ILE A 58 -2.45 -7.92 11.85
CA ILE A 58 -2.69 -7.01 10.73
C ILE A 58 -1.38 -6.75 9.97
N THR A 59 -0.34 -6.36 10.71
CA THR A 59 0.95 -6.03 10.10
C THR A 59 1.70 -7.21 9.46
N THR A 60 1.49 -8.43 9.95
CA THR A 60 2.16 -9.60 9.37
C THR A 60 1.48 -9.96 8.04
N LEU A 61 0.16 -9.83 8.00
CA LEU A 61 -0.63 -10.14 6.80
C LEU A 61 -0.33 -9.24 5.60
N VAL A 62 0.01 -7.99 5.88
CA VAL A 62 0.31 -7.06 4.79
C VAL A 62 1.45 -7.55 3.90
N PRO A 63 2.63 -7.81 4.49
CA PRO A 63 3.72 -8.28 3.64
C PRO A 63 3.47 -9.67 3.05
N ALA A 64 2.64 -10.46 3.71
CA ALA A 64 2.35 -11.82 3.24
C ALA A 64 1.55 -11.75 1.95
N ILE A 65 0.60 -10.84 1.90
CA ILE A 65 -0.21 -10.69 0.71
C ILE A 65 0.68 -10.12 -0.38
N ALA A 66 1.46 -9.10 -0.03
CA ALA A 66 2.38 -8.48 -0.98
C ALA A 66 3.29 -9.54 -1.58
N PHE A 67 3.72 -10.49 -0.75
CA PHE A 67 4.59 -11.57 -1.17
C PHE A 67 3.97 -12.39 -2.29
N THR A 68 2.74 -12.83 -2.09
CA THR A 68 2.04 -13.64 -3.09
C THR A 68 1.82 -12.89 -4.41
N MET A 69 1.44 -11.63 -4.34
CA MET A 69 1.20 -10.90 -5.57
C MET A 69 2.50 -10.60 -6.31
N TYR A 70 3.55 -10.22 -5.59
CA TYR A 70 4.82 -9.97 -6.24
C TYR A 70 5.30 -11.25 -6.97
N LEU A 71 5.12 -12.40 -6.34
CA LEU A 71 5.54 -13.67 -6.93
C LEU A 71 4.78 -13.97 -8.20
N SER A 72 3.51 -13.55 -8.23
CA SER A 72 2.68 -13.79 -9.41
C SER A 72 3.15 -12.90 -10.54
N MET A 73 3.83 -11.80 -10.19
CA MET A 73 4.34 -10.86 -11.19
C MET A 73 5.67 -11.37 -11.73
N LEU A 74 6.49 -11.91 -10.84
CA LEU A 74 7.79 -12.45 -11.22
C LEU A 74 7.54 -13.64 -12.15
N LEU A 75 6.60 -14.50 -11.76
CA LEU A 75 6.24 -15.69 -12.54
C LEU A 75 5.43 -15.36 -13.79
N GLY A 76 5.13 -14.09 -13.99
CA GLY A 76 4.38 -13.68 -15.18
C GLY A 76 2.88 -13.82 -15.14
N TYR A 77 2.34 -14.39 -14.09
CA TYR A 77 0.89 -14.56 -13.99
C TYR A 77 0.13 -13.24 -13.80
N GLY A 78 0.67 -12.33 -13.00
CA GLY A 78 -0.02 -11.07 -12.75
C GLY A 78 0.21 -9.97 -13.78
N LEU A 79 0.70 -10.35 -14.96
CA LEU A 79 0.94 -9.41 -16.03
C LEU A 79 -0.10 -9.67 -17.10
N THR A 80 -0.66 -8.60 -17.65
CA THR A 80 -1.64 -8.73 -18.71
C THR A 80 -1.29 -7.69 -19.78
N MET A 81 -1.92 -7.78 -20.93
CA MET A 81 -1.62 -6.81 -21.99
C MET A 81 -2.88 -6.00 -22.28
N VAL A 82 -2.73 -4.68 -22.32
CA VAL A 82 -3.85 -3.80 -22.58
C VAL A 82 -3.59 -2.90 -23.78
N PRO A 83 -4.52 -2.91 -24.75
CA PRO A 83 -4.36 -2.07 -25.95
C PRO A 83 -4.92 -0.67 -25.72
N PHE A 84 -4.07 0.33 -25.85
CA PHE A 84 -4.51 1.71 -25.69
C PHE A 84 -3.49 2.67 -26.27
N GLY A 85 -3.95 3.86 -26.64
CA GLY A 85 -3.07 4.85 -27.24
C GLY A 85 -2.86 4.46 -28.68
N GLY A 86 -1.95 3.52 -28.90
CA GLY A 86 -1.65 3.04 -30.24
C GLY A 86 -0.57 1.98 -30.17
N GLU A 87 -0.77 1.01 -29.28
CA GLU A 87 0.19 -0.08 -29.09
C GLU A 87 -0.33 -1.08 -28.04
N GLN A 88 0.47 -2.10 -27.76
CA GLN A 88 0.13 -3.12 -26.77
C GLN A 88 0.96 -2.87 -25.53
N ASN A 89 0.29 -2.43 -24.45
CA ASN A 89 0.96 -2.12 -23.20
C ASN A 89 0.86 -3.21 -22.14
N PRO A 90 1.98 -3.48 -21.44
CA PRO A 90 2.07 -4.49 -20.38
C PRO A 90 1.62 -3.91 -19.03
N ILE A 91 0.51 -4.42 -18.53
CA ILE A 91 -0.04 -3.94 -17.27
C ILE A 91 -0.06 -5.01 -16.18
N TYR A 92 0.72 -4.79 -15.13
CA TYR A 92 0.76 -5.72 -14.01
C TYR A 92 -0.48 -5.42 -13.15
N TRP A 93 -1.52 -6.22 -13.33
CA TRP A 93 -2.76 -6.03 -12.60
C TRP A 93 -2.67 -6.46 -11.15
N ALA A 94 -1.82 -7.43 -10.87
CA ALA A 94 -1.64 -7.97 -9.53
C ALA A 94 -1.44 -6.92 -8.43
N ARG A 95 -0.96 -5.74 -8.79
CA ARG A 95 -0.74 -4.70 -7.78
C ARG A 95 -2.03 -4.30 -7.08
N TYR A 96 -3.11 -4.22 -7.85
CA TYR A 96 -4.40 -3.84 -7.30
C TYR A 96 -4.97 -4.93 -6.38
N ALA A 97 -4.77 -6.19 -6.78
CA ALA A 97 -5.22 -7.33 -5.99
C ALA A 97 -4.52 -7.23 -4.62
N ASP A 98 -3.25 -6.85 -4.67
CA ASP A 98 -2.43 -6.66 -3.48
C ASP A 98 -2.99 -5.51 -2.66
N TRP A 99 -2.89 -4.30 -3.22
CA TRP A 99 -3.34 -3.09 -2.57
C TRP A 99 -4.78 -3.10 -2.09
N LEU A 100 -5.63 -3.86 -2.77
CA LEU A 100 -7.03 -3.95 -2.40
C LEU A 100 -7.23 -4.37 -0.92
N PHE A 101 -6.45 -5.35 -0.47
CA PHE A 101 -6.53 -5.85 0.91
C PHE A 101 -5.47 -5.23 1.79
N THR A 102 -4.35 -4.98 1.15
CA THR A 102 -3.18 -4.44 1.79
C THR A 102 -3.29 -3.00 2.29
N THR A 103 -3.80 -2.08 1.46
CA THR A 103 -3.92 -0.69 1.90
C THR A 103 -4.91 -0.53 3.06
N PRO A 104 -6.04 -1.26 3.03
CA PRO A 104 -7.05 -1.18 4.11
C PRO A 104 -6.46 -1.68 5.42
N LEU A 105 -5.64 -2.72 5.35
CA LEU A 105 -5.01 -3.27 6.56
C LEU A 105 -4.11 -2.22 7.23
N LEU A 106 -3.28 -1.53 6.44
CA LEU A 106 -2.41 -0.51 6.98
C LEU A 106 -3.24 0.57 7.68
N LEU A 107 -4.33 0.96 7.03
CA LEU A 107 -5.23 1.97 7.58
C LEU A 107 -5.75 1.49 8.92
N LEU A 108 -6.12 0.21 9.00
CA LEU A 108 -6.64 -0.37 10.23
C LEU A 108 -5.62 -0.27 11.37
N ASP A 109 -4.33 -0.51 11.07
CA ASP A 109 -3.27 -0.39 12.07
C ASP A 109 -3.33 1.02 12.66
N LEU A 110 -3.39 2.01 11.79
CA LEU A 110 -3.45 3.41 12.21
C LEU A 110 -4.70 3.69 13.05
N ALA A 111 -5.84 3.14 12.60
CA ALA A 111 -7.09 3.36 13.31
C ALA A 111 -7.04 2.75 14.71
N LEU A 112 -6.49 1.53 14.83
CA LEU A 112 -6.40 0.87 16.13
C LEU A 112 -5.48 1.66 17.07
N LEU A 113 -4.37 2.11 16.52
CA LEU A 113 -3.38 2.87 17.27
C LEU A 113 -4.00 4.14 17.87
N VAL A 114 -4.84 4.79 17.08
CA VAL A 114 -5.48 6.04 17.44
C VAL A 114 -6.88 5.83 18.00
N ASP A 115 -7.36 4.58 17.96
CA ASP A 115 -8.68 4.25 18.45
C ASP A 115 -9.80 5.03 17.73
N ALA A 116 -9.79 4.94 16.40
CA ALA A 116 -10.75 5.61 15.55
C ALA A 116 -12.19 5.12 15.71
N ASP A 117 -13.15 5.98 15.36
CA ASP A 117 -14.58 5.65 15.41
C ASP A 117 -14.86 4.63 14.30
N GLN A 118 -15.84 3.76 14.50
CA GLN A 118 -16.18 2.75 13.49
C GLN A 118 -16.60 3.44 12.21
N GLY A 119 -17.36 4.52 12.36
CA GLY A 119 -17.80 5.27 11.20
C GLY A 119 -16.66 5.78 10.34
N THR A 120 -15.61 6.29 10.97
CA THR A 120 -14.49 6.80 10.17
C THR A 120 -13.67 5.66 9.60
N ILE A 121 -13.61 4.54 10.32
CA ILE A 121 -12.89 3.36 9.83
C ILE A 121 -13.61 2.86 8.58
N LEU A 122 -14.95 2.82 8.64
CA LEU A 122 -15.72 2.38 7.49
C LEU A 122 -15.55 3.35 6.31
N ALA A 123 -15.61 4.65 6.58
CA ALA A 123 -15.45 5.64 5.51
C ALA A 123 -14.06 5.50 4.91
N LEU A 124 -13.05 5.33 5.78
CA LEU A 124 -11.68 5.15 5.30
C LEU A 124 -11.55 3.87 4.45
N VAL A 125 -12.08 2.75 4.93
CA VAL A 125 -12.02 1.50 4.17
C VAL A 125 -12.75 1.63 2.83
N GLY A 126 -13.91 2.29 2.85
CA GLY A 126 -14.66 2.51 1.62
C GLY A 126 -13.88 3.42 0.67
N ALA A 127 -13.33 4.50 1.20
CA ALA A 127 -12.56 5.41 0.36
C ALA A 127 -11.39 4.64 -0.25
N ASP A 128 -10.76 3.78 0.55
CA ASP A 128 -9.61 3.00 0.08
C ASP A 128 -10.03 2.01 -0.99
N GLY A 129 -11.19 1.38 -0.80
CA GLY A 129 -11.67 0.43 -1.79
C GLY A 129 -11.89 1.10 -3.13
N ILE A 130 -12.51 2.27 -3.11
CA ILE A 130 -12.77 3.02 -4.34
C ILE A 130 -11.45 3.43 -4.97
N MET A 131 -10.48 3.79 -4.15
CA MET A 131 -9.17 4.21 -4.66
C MET A 131 -8.52 3.11 -5.49
N ILE A 132 -8.44 1.91 -4.94
CA ILE A 132 -7.83 0.82 -5.68
C ILE A 132 -8.74 0.31 -6.78
N GLY A 133 -10.03 0.14 -6.49
CA GLY A 133 -10.94 -0.33 -7.52
C GLY A 133 -10.92 0.60 -8.72
N THR A 134 -10.99 1.89 -8.45
CA THR A 134 -10.96 2.93 -9.48
C THR A 134 -9.64 2.92 -10.28
N GLY A 135 -8.52 2.75 -9.58
CA GLY A 135 -7.23 2.72 -10.24
C GLY A 135 -7.05 1.46 -11.09
N LEU A 136 -7.74 0.39 -10.70
CA LEU A 136 -7.67 -0.87 -11.43
C LEU A 136 -8.40 -0.69 -12.76
N VAL A 137 -9.59 -0.09 -12.69
CA VAL A 137 -10.40 0.16 -13.86
C VAL A 137 -9.60 1.03 -14.81
N GLY A 138 -8.86 1.99 -14.25
CA GLY A 138 -8.05 2.87 -15.07
C GLY A 138 -6.92 2.17 -15.78
N ALA A 139 -6.19 1.33 -15.07
CA ALA A 139 -5.08 0.61 -15.65
C ALA A 139 -5.52 -0.40 -16.73
N LEU A 140 -6.80 -0.72 -16.78
CA LEU A 140 -7.29 -1.69 -17.75
C LEU A 140 -8.20 -1.11 -18.85
N THR A 141 -8.51 0.18 -18.74
CA THR A 141 -9.37 0.85 -19.71
C THR A 141 -8.67 1.02 -21.07
N LYS A 142 -9.37 0.63 -22.14
CA LYS A 142 -8.81 0.71 -23.49
C LYS A 142 -8.79 2.10 -24.12
N VAL A 143 -9.62 3.03 -23.63
CA VAL A 143 -9.61 4.38 -24.18
C VAL A 143 -8.58 5.23 -23.42
N TYR A 144 -7.40 5.36 -24.00
CA TYR A 144 -6.30 6.11 -23.40
C TYR A 144 -6.71 7.33 -22.57
N SER A 145 -7.54 8.18 -23.15
CA SER A 145 -7.98 9.39 -22.46
C SER A 145 -8.78 9.14 -21.17
N TYR A 146 -9.59 8.09 -21.15
CA TYR A 146 -10.39 7.79 -19.96
C TYR A 146 -9.56 7.31 -18.78
N ARG A 147 -8.44 6.66 -19.07
CA ARG A 147 -7.56 6.16 -18.02
C ARG A 147 -7.27 7.24 -16.99
N PHE A 148 -7.02 8.46 -17.48
CA PHE A 148 -6.72 9.58 -16.61
C PHE A 148 -7.92 10.09 -15.82
N VAL A 149 -9.13 9.82 -16.31
CA VAL A 149 -10.31 10.23 -15.57
C VAL A 149 -10.31 9.37 -14.30
N TRP A 150 -10.19 8.05 -14.49
CA TRP A 150 -10.14 7.10 -13.37
C TRP A 150 -9.02 7.46 -12.40
N TRP A 151 -7.91 7.92 -12.96
CA TRP A 151 -6.75 8.30 -12.17
C TRP A 151 -7.13 9.45 -11.24
N ALA A 152 -7.87 10.42 -11.77
CA ALA A 152 -8.28 11.58 -10.99
C ALA A 152 -9.22 11.20 -9.85
N ILE A 153 -10.23 10.39 -10.18
CA ILE A 153 -11.18 9.93 -9.18
C ILE A 153 -10.42 9.18 -8.08
N SER A 154 -9.51 8.31 -8.49
CA SER A 154 -8.71 7.52 -7.55
C SER A 154 -7.85 8.39 -6.66
N THR A 155 -7.24 9.42 -7.26
CA THR A 155 -6.39 10.35 -6.51
C THR A 155 -7.22 11.19 -5.54
N ALA A 156 -8.46 11.46 -5.90
CA ALA A 156 -9.34 12.23 -5.05
C ALA A 156 -9.68 11.40 -3.82
N ALA A 157 -9.92 10.11 -4.03
CA ALA A 157 -10.22 9.20 -2.91
C ALA A 157 -9.01 9.16 -1.97
N MET A 158 -7.81 9.06 -2.53
CA MET A 158 -6.61 9.01 -1.73
C MET A 158 -6.44 10.27 -0.87
N LEU A 159 -6.62 11.43 -1.50
CA LEU A 159 -6.48 12.70 -0.80
C LEU A 159 -7.44 12.75 0.38
N TYR A 160 -8.63 12.16 0.21
CA TYR A 160 -9.62 12.13 1.28
C TYR A 160 -9.09 11.31 2.45
N ILE A 161 -8.43 10.20 2.13
CA ILE A 161 -7.87 9.32 3.15
C ILE A 161 -6.72 9.98 3.91
N LEU A 162 -5.80 10.59 3.18
CA LEU A 162 -4.66 11.25 3.82
C LEU A 162 -5.10 12.46 4.63
N TYR A 163 -6.17 13.11 4.20
CA TYR A 163 -6.69 14.28 4.92
C TYR A 163 -7.16 13.85 6.31
N VAL A 164 -7.91 12.74 6.36
CA VAL A 164 -8.42 12.21 7.61
C VAL A 164 -7.27 11.68 8.47
N LEU A 165 -6.29 11.03 7.85
CA LEU A 165 -5.16 10.50 8.60
C LEU A 165 -4.37 11.62 9.25
N PHE A 166 -4.01 12.63 8.45
CA PHE A 166 -3.22 13.74 8.94
C PHE A 166 -3.92 14.67 9.93
N PHE A 167 -5.18 15.02 9.68
CA PHE A 167 -5.87 15.94 10.56
C PHE A 167 -6.80 15.29 11.57
N GLY A 168 -7.61 14.34 11.13
CA GLY A 168 -8.52 13.67 12.03
C GLY A 168 -7.85 12.72 13.00
N PHE A 169 -6.94 11.88 12.49
CA PHE A 169 -6.25 10.90 13.33
C PHE A 169 -5.25 11.51 14.30
N THR A 170 -4.44 12.46 13.82
CA THR A 170 -3.45 13.13 14.68
C THR A 170 -4.15 13.66 15.92
N SER A 171 -5.36 14.18 15.74
CA SER A 171 -6.14 14.72 16.83
C SER A 171 -6.48 13.62 17.84
N LYS A 172 -6.90 12.47 17.32
CA LYS A 172 -7.26 11.33 18.15
C LYS A 172 -6.02 10.79 18.86
N ALA A 173 -4.87 10.94 18.21
CA ALA A 173 -3.59 10.48 18.78
C ALA A 173 -3.16 11.33 19.98
N GLU A 174 -3.56 12.59 19.97
CA GLU A 174 -3.22 13.53 21.05
C GLU A 174 -3.81 13.10 22.39
N SER A 175 -4.81 12.23 22.36
CA SER A 175 -5.46 11.76 23.58
C SER A 175 -4.86 10.47 24.12
N MET A 176 -3.86 9.93 23.42
CA MET A 176 -3.19 8.71 23.87
C MET A 176 -1.91 9.12 24.61
N ARG A 177 -1.22 8.15 25.20
CA ARG A 177 0.02 8.44 25.91
C ARG A 177 1.12 8.77 24.89
N PRO A 178 2.13 9.56 25.31
CA PRO A 178 3.23 9.96 24.43
C PRO A 178 3.83 8.92 23.48
N GLU A 179 4.06 7.68 23.93
CA GLU A 179 4.62 6.64 23.05
C GLU A 179 3.72 6.40 21.85
N VAL A 180 2.39 6.39 22.08
CA VAL A 180 1.44 6.15 21.00
C VAL A 180 1.38 7.34 20.07
N ALA A 181 1.21 8.52 20.66
CA ALA A 181 1.13 9.75 19.88
C ALA A 181 2.34 9.90 18.96
N SER A 182 3.55 9.73 19.49
CA SER A 182 4.74 9.89 18.65
C SER A 182 4.93 8.80 17.61
N THR A 183 4.67 7.56 17.98
CA THR A 183 4.81 6.48 17.01
C THR A 183 3.77 6.75 15.93
N PHE A 184 2.59 7.20 16.34
CA PHE A 184 1.59 7.49 15.33
C PHE A 184 2.08 8.56 14.37
N LYS A 185 2.69 9.62 14.91
CA LYS A 185 3.22 10.73 14.10
C LYS A 185 4.18 10.23 13.01
N VAL A 186 5.13 9.38 13.40
CA VAL A 186 6.08 8.84 12.42
C VAL A 186 5.32 8.04 11.37
N LEU A 187 4.44 7.14 11.79
CA LEU A 187 3.66 6.32 10.85
C LEU A 187 2.83 7.21 9.93
N ARG A 188 2.20 8.23 10.50
CA ARG A 188 1.39 9.18 9.72
C ARG A 188 2.25 9.83 8.62
N ASN A 189 3.37 10.44 9.01
CA ASN A 189 4.27 11.10 8.06
C ASN A 189 4.75 10.17 6.96
N VAL A 190 5.10 8.93 7.34
CA VAL A 190 5.58 7.97 6.36
C VAL A 190 4.49 7.57 5.37
N THR A 191 3.28 7.28 5.84
CA THR A 191 2.23 6.90 4.90
C THR A 191 1.78 8.06 4.02
N VAL A 192 1.69 9.27 4.56
CA VAL A 192 1.30 10.41 3.74
C VAL A 192 2.33 10.65 2.63
N VAL A 193 3.60 10.62 2.97
CA VAL A 193 4.62 10.83 1.97
C VAL A 193 4.66 9.70 0.94
N LEU A 194 4.74 8.45 1.40
CA LEU A 194 4.80 7.29 0.51
C LEU A 194 3.59 7.07 -0.38
N TRP A 195 2.41 7.10 0.21
CA TRP A 195 1.18 6.87 -0.53
C TRP A 195 1.01 7.85 -1.71
N SER A 196 1.33 9.13 -1.49
CA SER A 196 1.18 10.13 -2.54
C SER A 196 2.17 9.97 -3.71
N ALA A 197 3.18 9.12 -3.53
CA ALA A 197 4.15 8.86 -4.61
C ALA A 197 3.59 7.86 -5.62
N TYR A 198 2.64 7.02 -5.19
CA TYR A 198 2.03 6.03 -6.06
C TYR A 198 1.31 6.61 -7.26
N PRO A 199 0.44 7.61 -7.05
CA PRO A 199 -0.27 8.20 -8.18
C PRO A 199 0.64 8.88 -9.19
N VAL A 200 1.71 9.50 -8.71
CA VAL A 200 2.67 10.17 -9.58
C VAL A 200 3.37 9.12 -10.44
N VAL A 201 3.82 8.04 -9.80
CA VAL A 201 4.51 6.96 -10.51
C VAL A 201 3.59 6.40 -11.59
N TRP A 202 2.35 6.17 -11.23
CA TRP A 202 1.35 5.65 -12.15
C TRP A 202 1.17 6.59 -13.36
N LEU A 203 1.05 7.88 -13.09
CA LEU A 203 0.86 8.87 -14.14
C LEU A 203 2.03 8.96 -15.12
N ILE A 204 3.26 8.77 -14.64
CA ILE A 204 4.42 8.86 -15.51
C ILE A 204 4.93 7.52 -16.01
N GLY A 205 4.33 6.44 -15.53
CA GLY A 205 4.78 5.11 -15.92
C GLY A 205 3.97 4.52 -17.06
N SER A 206 4.11 3.21 -17.26
CA SER A 206 3.44 2.50 -18.34
C SER A 206 1.92 2.46 -18.24
N GLU A 207 1.36 2.81 -17.09
CA GLU A 207 -0.10 2.81 -16.94
C GLU A 207 -0.71 4.11 -17.44
N GLY A 208 0.10 5.16 -17.52
CA GLY A 208 -0.37 6.45 -17.99
C GLY A 208 0.52 6.97 -19.11
N ALA A 209 1.17 8.10 -18.89
CA ALA A 209 2.10 8.68 -19.88
C ALA A 209 3.42 7.92 -19.70
N GLY A 210 3.82 7.16 -20.72
CA GLY A 210 5.03 6.37 -20.62
C GLY A 210 6.36 7.10 -20.45
N ILE A 211 6.34 8.23 -19.76
CA ILE A 211 7.56 9.01 -19.52
C ILE A 211 8.68 8.15 -18.92
N VAL A 212 8.30 7.26 -17.99
CA VAL A 212 9.26 6.39 -17.34
C VAL A 212 9.01 4.95 -17.80
N PRO A 213 10.08 4.22 -18.14
CA PRO A 213 9.92 2.84 -18.60
C PRO A 213 9.44 1.87 -17.51
N LEU A 214 8.75 0.82 -17.92
CA LEU A 214 8.23 -0.19 -17.01
C LEU A 214 9.33 -0.74 -16.12
N ASN A 215 10.55 -0.66 -16.63
CA ASN A 215 11.73 -1.11 -15.93
C ASN A 215 11.91 -0.31 -14.64
N ILE A 216 12.11 1.00 -14.80
CA ILE A 216 12.30 1.93 -13.68
C ILE A 216 11.04 2.04 -12.80
N GLU A 217 9.87 1.90 -13.41
CA GLU A 217 8.62 1.99 -12.69
C GLU A 217 8.54 0.91 -11.60
N THR A 218 8.81 -0.32 -12.01
CA THR A 218 8.76 -1.48 -11.12
C THR A 218 9.74 -1.31 -9.97
N LEU A 219 10.81 -0.55 -10.21
CA LEU A 219 11.82 -0.32 -9.18
C LEU A 219 11.29 0.70 -8.17
N LEU A 220 10.52 1.66 -8.67
CA LEU A 220 9.94 2.68 -7.80
C LEU A 220 8.88 2.07 -6.90
N PHE A 221 7.95 1.32 -7.48
CA PHE A 221 6.90 0.68 -6.71
C PHE A 221 7.49 -0.25 -5.67
N MET A 222 8.57 -0.92 -6.07
CA MET A 222 9.28 -1.87 -5.20
C MET A 222 9.83 -1.18 -3.95
N VAL A 223 10.42 -0.01 -4.12
CA VAL A 223 10.98 0.74 -2.99
C VAL A 223 9.84 1.28 -2.13
N LEU A 224 8.80 1.75 -2.80
CA LEU A 224 7.59 2.31 -2.15
C LEU A 224 6.84 1.23 -1.35
N ASP A 225 6.61 0.08 -1.98
CA ASP A 225 5.90 -1.02 -1.33
C ASP A 225 6.64 -1.55 -0.10
N VAL A 226 7.92 -1.85 -0.24
CA VAL A 226 8.69 -2.36 0.88
C VAL A 226 8.72 -1.34 2.02
N SER A 227 8.95 -0.07 1.70
CA SER A 227 8.98 0.96 2.72
C SER A 227 7.63 1.06 3.42
N ALA A 228 6.57 1.16 2.61
CA ALA A 228 5.21 1.30 3.09
C ALA A 228 4.66 0.11 3.87
N LYS A 229 5.32 -1.04 3.76
CA LYS A 229 4.87 -2.25 4.44
C LYS A 229 5.88 -2.73 5.48
N VAL A 230 7.03 -3.19 5.00
CA VAL A 230 8.07 -3.66 5.90
C VAL A 230 8.57 -2.52 6.77
N GLY A 231 8.87 -1.37 6.15
CA GLY A 231 9.36 -0.23 6.89
C GLY A 231 8.34 0.24 7.91
N PHE A 232 7.11 0.45 7.44
CA PHE A 232 6.01 0.87 8.29
C PHE A 232 5.88 -0.20 9.40
N GLY A 233 5.90 -1.47 9.00
CA GLY A 233 5.80 -2.55 9.96
C GLY A 233 6.86 -2.53 11.03
N LEU A 234 8.11 -2.31 10.62
CA LEU A 234 9.24 -2.23 11.55
C LEU A 234 9.06 -1.09 12.54
N ILE A 235 8.74 0.11 12.04
CA ILE A 235 8.53 1.26 12.92
C ILE A 235 7.47 0.98 13.99
N LEU A 236 6.37 0.35 13.57
CA LEU A 236 5.27 0.05 14.49
C LEU A 236 5.56 -1.09 15.45
N LEU A 237 5.83 -2.27 14.91
CA LEU A 237 6.06 -3.46 15.72
C LEU A 237 7.26 -3.39 16.64
N ARG A 238 8.10 -2.38 16.48
CA ARG A 238 9.28 -2.27 17.33
C ARG A 238 9.14 -1.15 18.37
N SER A 239 7.95 -0.59 18.47
CA SER A 239 7.70 0.46 19.45
C SER A 239 6.83 -0.16 20.53
N ARG A 240 6.72 0.49 21.67
CA ARG A 240 5.89 -0.02 22.75
C ARG A 240 4.46 0.44 22.52
N ALA A 241 4.26 1.24 21.47
CA ALA A 241 2.95 1.78 21.15
C ALA A 241 1.83 0.73 20.97
N ILE A 242 2.19 -0.45 20.48
CA ILE A 242 1.23 -1.52 20.25
C ILE A 242 0.69 -2.20 21.50
N PHE A 243 1.22 -1.83 22.66
CA PHE A 243 0.78 -2.42 23.93
C PHE A 243 -0.23 -1.52 24.63
N GLY A 244 -1.19 -2.12 25.32
CA GLY A 244 -2.21 -1.33 26.00
C GLY A 244 -1.76 -0.67 27.30
#